data_3NCG
#
_entry.id   3NCG
#
_cell.length_a   59.991
_cell.length_b   55.968
_cell.length_c   81.972
_cell.angle_alpha   90.000
_cell.angle_beta   104.780
_cell.angle_gamma   90.000
#
_symmetry.space_group_name_H-M   'P 1 21 1'
#
loop_
_entity.id
_entity.type
_entity.pdbx_description
1 polymer 'Calmodulin-domain protein kinase 1'
2 non-polymer 'CALCIUM ION'
3 non-polymer 1-(1-methylethyl)-3-(naphthalen-1-ylmethyl)-1H-pyrazolo[3,4-d]pyrimidin-4-amine
4 water water
#
_entity_poly.entity_id   1
_entity_poly.type   'polypeptide(L)'
_entity_poly.pdbx_seq_one_letter_code
;MHHHHHHSSGRENLYFQGTFAERYNIVCMLGKGSFGEVLKCKDRITQQEYAVKVINKASAKNKDTSTILREVELLKKLDH
PNIMKLFEILEDSSSFYIVGELYTGGELFDEIIKRKRFSEHDAARIIKQVFSGITYMHKHNIVHRDLKPENILLESKEKD
CDIKIIDFGLSTCFQQNTKMKDRIGTAYYIAPEVLRGTYDEKCDVWSAGVILYILLSGTPPFYGKNEYDILKRVETGKYA
FDLPQWRTISDDAKDLIRKMLTFHPSLRITATQCLEHPWIQKYSSETPTISDLPSLESAMTNIRQFQAEKKLAQAALLYM
ASKLTTLDETKQLTEIFRKLDTNNDGMLDRDELVRGYHEFMRLKGVDSNSLIQNEGSTIEDQIDSLMPLLDMDGSGSIEY
SEFIASAIDRTILLSRERMERAFKMFDKDGSGKISTKELFKLFSQADSSIQMEELESIIEQVDNNKDGEVDFNEFVEMLQ
NFVRNE
;
_entity_poly.pdbx_strand_id   A
#
loop_
_chem_comp.id
_chem_comp.type
_chem_comp.name
_chem_comp.formula
BK1 non-polymer 1-(1-methylethyl)-3-(naphthalen-1-ylmethyl)-1H-pyrazolo[3,4-d]pyrimidin-4-amine 'C19 H19 N5'
CA non-polymer 'CALCIUM ION' 'Ca 2'
#
# COMPACT_ATOMS: atom_id res chain seq x y z
N LEU A 14 19.14 27.32 14.09
CA LEU A 14 18.51 25.98 14.20
C LEU A 14 19.51 24.92 14.67
N TYR A 15 20.54 25.34 15.43
CA TYR A 15 21.67 24.47 15.82
C TYR A 15 21.28 23.30 16.70
N PHE A 16 20.60 23.59 17.82
CA PHE A 16 20.18 22.56 18.78
C PHE A 16 18.89 21.83 18.41
N GLN A 17 18.69 21.53 17.11
CA GLN A 17 17.51 20.80 16.68
C GLN A 17 17.84 19.66 15.73
N GLY A 18 17.44 18.45 16.13
CA GLY A 18 17.47 17.29 15.23
C GLY A 18 16.34 17.46 14.24
N THR A 19 16.41 16.76 13.12
CA THR A 19 15.35 16.79 12.14
C THR A 19 14.24 15.83 12.60
N PHE A 20 14.64 14.65 13.07
CA PHE A 20 13.67 13.67 13.55
C PHE A 20 13.26 14.08 14.97
N ALA A 21 14.25 14.19 15.85
CA ALA A 21 14.00 14.59 17.23
C ALA A 21 13.11 15.84 17.37
N GLU A 22 13.23 16.81 16.46
CA GLU A 22 12.48 18.05 16.59
C GLU A 22 11.01 17.84 16.28
N ARG A 23 10.71 16.81 15.49
CA ARG A 23 9.38 16.58 14.96
C ARG A 23 8.63 15.42 15.65
N TYR A 24 9.33 14.33 15.98
CA TYR A 24 8.68 13.17 16.56
C TYR A 24 9.24 12.78 17.92
N ASN A 25 8.35 12.40 18.82
CA ASN A 25 8.69 11.74 20.07
C ASN A 25 8.55 10.22 19.92
N ILE A 26 9.50 9.49 20.49
CA ILE A 26 9.44 8.04 20.49
C ILE A 26 8.51 7.61 21.64
N VAL A 27 7.49 6.83 21.33
CA VAL A 27 6.57 6.32 22.37
C VAL A 27 7.10 4.98 22.92
N CYS A 28 7.43 4.05 22.02
CA CYS A 28 7.86 2.71 22.40
C CYS A 28 8.34 1.87 21.23
N MET A 29 9.01 0.76 21.54
CA MET A 29 9.38 -0.20 20.54
C MET A 29 8.18 -1.05 20.15
N LEU A 30 8.13 -1.43 18.88
CA LEU A 30 7.08 -2.30 18.38
C LEU A 30 7.69 -3.64 17.99
N GLY A 31 8.79 -3.60 17.25
CA GLY A 31 9.47 -4.81 16.83
C GLY A 31 10.84 -4.57 16.23
N LYS A 32 11.55 -5.68 16.04
CA LYS A 32 12.84 -5.70 15.37
C LYS A 32 12.60 -6.01 13.90
N GLY A 33 12.68 -4.99 13.04
CA GLY A 33 12.40 -5.17 11.63
C GLY A 33 13.63 -5.63 10.87
N SER A 34 13.52 -5.67 9.55
CA SER A 34 14.68 -5.89 8.69
C SER A 34 15.57 -4.65 8.71
N PHE A 35 16.85 -4.86 8.98
CA PHE A 35 17.90 -3.83 8.92
C PHE A 35 17.95 -2.94 10.16
N GLY A 36 17.03 -3.15 11.09
CA GLY A 36 16.96 -2.32 12.29
C GLY A 36 15.62 -2.37 12.98
N GLU A 37 15.50 -1.60 14.06
CA GLU A 37 14.34 -1.67 14.93
C GLU A 37 13.23 -0.85 14.36
N VAL A 38 12.00 -1.25 14.68
CA VAL A 38 10.83 -0.45 14.33
C VAL A 38 10.20 0.04 15.62
N LEU A 39 9.85 1.32 15.65
CA LEU A 39 9.28 1.93 16.84
C LEU A 39 8.00 2.69 16.55
N LYS A 40 7.22 2.90 17.60
CA LYS A 40 6.06 3.76 17.53
C LYS A 40 6.52 5.17 17.92
N CYS A 41 6.22 6.13 17.06
CA CYS A 41 6.51 7.52 17.35
C CYS A 41 5.29 8.37 17.06
N LYS A 42 5.30 9.57 17.61
CA LYS A 42 4.18 10.48 17.48
C LYS A 42 4.71 11.86 17.11
N ASP A 43 4.00 12.54 16.23
CA ASP A 43 4.37 13.87 15.83
C ASP A 43 4.05 14.83 16.97
N ARG A 44 5.05 15.63 17.35
CA ARG A 44 4.98 16.48 18.54
C ARG A 44 3.99 17.63 18.40
N ILE A 45 3.57 17.93 17.18
CA ILE A 45 2.54 18.96 16.96
C ILE A 45 1.17 18.35 16.67
N THR A 46 1.11 17.38 15.78
CA THR A 46 -0.19 16.86 15.32
C THR A 46 -0.75 15.77 16.22
N GLN A 47 0.12 15.17 17.03
CA GLN A 47 -0.21 14.05 17.92
CA GLN A 47 -0.22 14.06 17.93
C GLN A 47 -0.52 12.76 17.18
N GLN A 48 -0.48 12.80 15.84
CA GLN A 48 -0.71 11.63 15.00
C GLN A 48 0.46 10.65 15.12
N GLU A 49 0.14 9.37 15.28
CA GLU A 49 1.15 8.36 15.53
C GLU A 49 1.60 7.67 14.24
N TYR A 50 2.85 7.22 14.23
CA TYR A 50 3.52 6.69 13.06
C TYR A 50 4.47 5.56 13.47
N ALA A 51 4.80 4.69 12.53
CA ALA A 51 5.85 3.71 12.74
C ALA A 51 7.17 4.25 12.15
N VAL A 52 8.28 3.95 12.83
CA VAL A 52 9.59 4.40 12.39
C VAL A 52 10.60 3.26 12.49
N LYS A 53 11.34 3.02 11.41
CA LYS A 53 12.40 2.03 11.41
C LYS A 53 13.72 2.78 11.54
N VAL A 54 14.50 2.44 12.57
CA VAL A 54 15.77 3.07 12.89
C VAL A 54 16.88 2.12 12.45
N ILE A 55 17.78 2.64 11.62
CA ILE A 55 18.82 1.86 10.96
C ILE A 55 20.20 2.47 11.22
N ASN A 56 21.07 1.73 11.89
CA ASN A 56 22.38 2.25 12.23
C ASN A 56 23.25 2.48 10.99
N LYS A 57 23.68 3.72 10.79
CA LYS A 57 24.51 4.09 9.63
C LYS A 57 25.81 3.30 9.55
N ALA A 58 26.58 3.32 10.64
CA ALA A 58 27.89 2.72 10.64
C ALA A 58 27.80 1.25 10.27
N SER A 59 26.88 0.54 10.89
CA SER A 59 26.77 -0.92 10.74
C SER A 59 26.02 -1.36 9.50
N ALA A 60 24.90 -0.69 9.18
CA ALA A 60 23.99 -1.18 8.15
C ALA A 60 24.24 -0.63 6.75
N LYS A 61 24.88 0.54 6.66
CA LYS A 61 25.12 1.17 5.36
C LYS A 61 25.84 0.22 4.41
N ASN A 62 25.24 0.01 3.24
CA ASN A 62 25.90 -0.70 2.13
C ASN A 62 26.16 0.18 0.91
N LYS A 63 25.48 1.33 0.85
CA LYS A 63 25.68 2.31 -0.21
C LYS A 63 25.95 3.67 0.40
N ASP A 64 26.31 4.63 -0.44
CA ASP A 64 26.40 6.01 -0.02
C ASP A 64 25.01 6.55 0.29
N THR A 65 24.96 7.53 1.19
CA THR A 65 23.73 8.22 1.56
C THR A 65 23.00 8.81 0.37
N SER A 66 23.74 9.28 -0.63
CA SER A 66 23.12 9.83 -1.84
C SER A 66 22.28 8.78 -2.57
N THR A 67 22.77 7.54 -2.61
CA THR A 67 22.06 6.42 -3.25
C THR A 67 20.87 6.00 -2.39
N ILE A 68 21.09 5.92 -1.08
CA ILE A 68 20.04 5.54 -0.14
C ILE A 68 18.83 6.49 -0.14
N LEU A 69 19.11 7.79 -0.10
CA LEU A 69 18.06 8.83 -0.18
C LEU A 69 17.35 8.83 -1.55
N ARG A 70 18.07 8.44 -2.61
CA ARG A 70 17.48 8.33 -3.95
CA ARG A 70 17.48 8.33 -3.95
C ARG A 70 16.52 7.14 -3.99
N GLU A 71 16.98 6.00 -3.48
CA GLU A 71 16.19 4.76 -3.50
C GLU A 71 14.90 4.97 -2.72
N VAL A 72 15.06 5.48 -1.51
CA VAL A 72 13.94 5.67 -0.60
C VAL A 72 12.94 6.69 -1.15
N GLU A 73 13.41 7.67 -1.91
CA GLU A 73 12.50 8.66 -2.49
C GLU A 73 11.51 8.00 -3.44
N LEU A 74 11.97 7.07 -4.28
CA LEU A 74 11.06 6.32 -5.14
C LEU A 74 10.08 5.48 -4.29
N LEU A 75 10.58 4.83 -3.25
CA LEU A 75 9.71 4.05 -2.36
C LEU A 75 8.62 4.94 -1.74
N LYS A 76 8.98 6.17 -1.35
CA LYS A 76 8.01 7.16 -0.83
C LYS A 76 6.92 7.49 -1.84
N LYS A 77 7.29 7.58 -3.12
CA LYS A 77 6.33 7.92 -4.18
C LYS A 77 5.45 6.74 -4.60
N LEU A 78 5.65 5.57 -4.01
CA LEU A 78 4.76 4.44 -4.28
C LEU A 78 3.43 4.73 -3.58
N ASP A 79 2.35 4.77 -4.38
CA ASP A 79 1.01 5.10 -3.88
C ASP A 79 0.00 3.98 -4.21
N HIS A 80 -0.22 3.10 -3.25
CA HIS A 80 -1.08 1.93 -3.48
C HIS A 80 -1.68 1.50 -2.15
N PRO A 81 -3.00 1.21 -2.13
CA PRO A 81 -3.64 0.82 -0.86
C PRO A 81 -3.04 -0.42 -0.17
N ASN A 82 -2.42 -1.33 -0.92
CA ASN A 82 -1.88 -2.59 -0.37
C ASN A 82 -0.38 -2.59 -0.16
N ILE A 83 0.25 -1.42 -0.26
CA ILE A 83 1.68 -1.30 -0.10
C ILE A 83 1.92 -0.32 1.03
N MET A 84 2.88 -0.63 1.89
CA MET A 84 3.15 0.25 3.02
C MET A 84 3.50 1.64 2.49
N LYS A 85 3.04 2.67 3.18
CA LYS A 85 3.29 4.03 2.76
C LYS A 85 4.38 4.59 3.63
N LEU A 86 5.49 4.99 3.01
CA LEU A 86 6.58 5.67 3.70
C LEU A 86 6.38 7.19 3.57
N PHE A 87 6.52 7.90 4.69
CA PHE A 87 6.35 9.37 4.71
C PHE A 87 7.66 10.11 4.53
N GLU A 88 8.71 9.64 5.21
CA GLU A 88 10.03 10.26 5.04
C GLU A 88 11.21 9.47 5.57
N ILE A 89 12.38 9.89 5.11
CA ILE A 89 13.63 9.38 5.62
C ILE A 89 14.39 10.57 6.20
N LEU A 90 14.77 10.45 7.47
CA LEU A 90 15.46 11.51 8.20
C LEU A 90 16.71 10.89 8.81
N GLU A 91 17.74 11.71 9.03
CA GLU A 91 18.98 11.19 9.59
C GLU A 91 19.56 12.09 10.69
N ASP A 92 20.32 11.47 11.57
CA ASP A 92 21.24 12.19 12.46
C ASP A 92 22.65 11.60 12.26
N SER A 93 23.59 11.92 13.15
CA SER A 93 24.97 11.42 13.03
C SER A 93 25.13 9.88 13.12
N SER A 94 24.18 9.20 13.76
CA SER A 94 24.24 7.74 13.96
C SER A 94 23.29 6.89 13.10
N SER A 95 22.11 7.41 12.77
CA SER A 95 21.03 6.57 12.24
C SER A 95 20.23 7.19 11.10
N PHE A 96 19.54 6.34 10.35
CA PHE A 96 18.45 6.77 9.45
C PHE A 96 17.13 6.46 10.15
N TYR A 97 16.11 7.27 9.89
CA TYR A 97 14.79 7.08 10.48
C TYR A 97 13.79 7.10 9.36
N ILE A 98 13.26 5.92 9.00
CA ILE A 98 12.26 5.80 7.94
C ILE A 98 10.87 5.81 8.58
N VAL A 99 10.11 6.88 8.37
CA VAL A 99 8.83 7.04 9.07
C VAL A 99 7.70 6.65 8.13
N GLY A 100 6.79 5.81 8.62
CA GLY A 100 5.67 5.33 7.81
C GLY A 100 4.37 5.17 8.56
N GLU A 101 3.32 4.81 7.82
CA GLU A 101 2.01 4.52 8.39
C GLU A 101 2.14 3.49 9.51
N LEU A 102 1.38 3.68 10.59
CA LEU A 102 1.33 2.70 11.66
C LEU A 102 0.11 1.78 11.44
N TYR A 103 0.34 0.47 11.40
CA TYR A 103 -0.76 -0.50 11.32
C TYR A 103 -0.94 -1.22 12.65
N THR A 104 -2.18 -1.57 12.97
CA THR A 104 -2.53 -2.12 14.29
C THR A 104 -3.00 -3.57 14.27
N GLY A 105 -3.20 -4.13 13.09
CA GLY A 105 -3.77 -5.46 12.95
C GLY A 105 -2.82 -6.65 12.93
N GLY A 106 -1.52 -6.37 12.96
CA GLY A 106 -0.53 -7.45 13.03
C GLY A 106 -0.39 -8.20 11.73
N GLU A 107 0.21 -9.39 11.79
CA GLU A 107 0.60 -10.12 10.59
C GLU A 107 -0.52 -11.02 10.08
N LEU A 108 -0.62 -11.14 8.76
CA LEU A 108 -1.48 -12.13 8.13
C LEU A 108 -1.24 -13.53 8.69
N PHE A 109 0.03 -13.85 8.94
CA PHE A 109 0.42 -15.08 9.60
C PHE A 109 -0.45 -15.48 10.82
N ASP A 110 -0.77 -14.52 11.68
CA ASP A 110 -1.58 -14.80 12.88
C ASP A 110 -3.04 -15.05 12.53
N GLU A 111 -3.50 -14.43 11.43
CA GLU A 111 -4.82 -14.70 10.89
C GLU A 111 -4.92 -16.16 10.47
N ILE A 112 -3.88 -16.66 9.79
CA ILE A 112 -3.81 -18.08 9.40
C ILE A 112 -3.91 -18.98 10.61
N ILE A 113 -3.16 -18.68 11.67
CA ILE A 113 -3.19 -19.51 12.87
C ILE A 113 -4.59 -19.51 13.50
N LYS A 114 -5.21 -18.33 13.61
CA LYS A 114 -6.55 -18.20 14.21
C LYS A 114 -7.63 -18.93 13.39
N ARG A 115 -7.73 -18.60 12.11
CA ARG A 115 -8.78 -19.17 11.26
CA ARG A 115 -8.78 -19.16 11.26
C ARG A 115 -8.44 -20.58 10.76
N LYS A 116 -7.16 -20.97 10.86
CA LYS A 116 -6.64 -22.26 10.35
C LYS A 116 -6.66 -22.30 8.82
N ARG A 117 -7.81 -21.98 8.23
CA ARG A 117 -7.90 -21.77 6.79
C ARG A 117 -9.18 -21.04 6.40
N PHE A 118 -9.27 -20.61 5.14
CA PHE A 118 -10.29 -19.67 4.71
C PHE A 118 -11.19 -20.22 3.62
N SER A 119 -12.40 -19.67 3.53
CA SER A 119 -13.29 -19.98 2.40
C SER A 119 -12.61 -19.48 1.13
N GLU A 120 -13.11 -19.90 -0.02
CA GLU A 120 -12.63 -19.38 -1.30
C GLU A 120 -12.96 -17.89 -1.42
N HIS A 121 -14.10 -17.48 -0.90
CA HIS A 121 -14.46 -16.07 -0.82
C HIS A 121 -13.41 -15.27 -0.03
N ASP A 122 -13.16 -15.63 1.22
CA ASP A 122 -12.23 -14.92 2.11
C ASP A 122 -10.77 -14.99 1.69
N ALA A 123 -10.36 -16.13 1.16
CA ALA A 123 -9.02 -16.27 0.58
C ALA A 123 -8.86 -15.42 -0.68
N ALA A 124 -9.95 -15.31 -1.46
CA ALA A 124 -9.96 -14.51 -2.68
C ALA A 124 -9.80 -13.02 -2.40
N ARG A 125 -10.55 -12.50 -1.44
CA ARG A 125 -10.47 -11.09 -1.06
C ARG A 125 -9.07 -10.72 -0.57
N ILE A 126 -8.47 -11.60 0.21
CA ILE A 126 -7.14 -11.41 0.74
C ILE A 126 -6.04 -11.46 -0.34
N ILE A 127 -5.98 -12.56 -1.06
CA ILE A 127 -4.90 -12.74 -2.02
C ILE A 127 -5.03 -11.75 -3.18
N LYS A 128 -6.25 -11.37 -3.53
CA LYS A 128 -6.49 -10.31 -4.52
C LYS A 128 -5.68 -9.05 -4.19
N GLN A 129 -5.58 -8.73 -2.91
CA GLN A 129 -4.85 -7.54 -2.47
C GLN A 129 -3.34 -7.71 -2.59
N VAL A 130 -2.86 -8.93 -2.40
CA VAL A 130 -1.46 -9.22 -2.59
C VAL A 130 -1.14 -9.09 -4.08
N PHE A 131 -2.03 -9.61 -4.92
CA PHE A 131 -1.82 -9.51 -6.35
C PHE A 131 -1.78 -8.06 -6.80
N SER A 132 -2.62 -7.23 -6.17
CA SER A 132 -2.75 -5.85 -6.55
C SER A 132 -1.48 -5.09 -6.24
N GLY A 133 -0.99 -5.27 -5.02
CA GLY A 133 0.22 -4.61 -4.56
C GLY A 133 1.42 -5.08 -5.34
N ILE A 134 1.55 -6.39 -5.51
CA ILE A 134 2.71 -6.95 -6.22
C ILE A 134 2.74 -6.55 -7.69
N THR A 135 1.58 -6.55 -8.33
CA THR A 135 1.45 -6.03 -9.71
C THR A 135 1.97 -4.59 -9.86
N TYR A 136 1.59 -3.73 -8.93
CA TYR A 136 2.06 -2.34 -8.87
C TYR A 136 3.56 -2.29 -8.60
N MET A 137 4.03 -3.13 -7.69
CA MET A 137 5.46 -3.22 -7.39
C MET A 137 6.20 -3.55 -8.67
N HIS A 138 5.77 -4.61 -9.35
CA HIS A 138 6.45 -5.03 -10.57
C HIS A 138 6.32 -4.02 -11.72
N LYS A 139 5.21 -3.30 -11.81
CA LYS A 139 5.12 -2.22 -12.81
C LYS A 139 6.18 -1.14 -12.55
N HIS A 140 6.54 -0.95 -11.29
CA HIS A 140 7.58 0.00 -10.92
C HIS A 140 8.94 -0.68 -10.74
N ASN A 141 9.08 -1.89 -11.27
CA ASN A 141 10.34 -2.62 -11.31
C ASN A 141 10.95 -2.84 -9.91
N ILE A 142 10.11 -3.30 -9.00
CA ILE A 142 10.55 -3.65 -7.66
C ILE A 142 10.07 -5.05 -7.37
N VAL A 143 11.00 -5.93 -7.01
CA VAL A 143 10.66 -7.26 -6.61
C VAL A 143 10.67 -7.23 -5.09
N HIS A 144 9.79 -8.00 -4.46
CA HIS A 144 9.83 -8.07 -3.01
C HIS A 144 11.08 -8.85 -2.56
N ARG A 145 11.22 -10.08 -3.06
CA ARG A 145 12.35 -10.99 -2.75
C ARG A 145 12.04 -11.93 -1.59
N ASP A 146 11.05 -11.59 -0.77
CA ASP A 146 10.76 -12.35 0.44
C ASP A 146 9.30 -12.20 0.87
N LEU A 147 8.40 -12.36 -0.08
CA LEU A 147 6.98 -12.27 0.18
C LEU A 147 6.61 -13.44 1.04
N LYS A 148 5.86 -13.16 2.10
CA LYS A 148 5.40 -14.17 3.04
C LYS A 148 4.34 -13.55 3.96
N PRO A 149 3.64 -14.38 4.75
CA PRO A 149 2.59 -13.81 5.61
C PRO A 149 3.10 -12.85 6.69
N GLU A 150 4.34 -13.02 7.13
CA GLU A 150 4.91 -12.15 8.16
C GLU A 150 5.25 -10.76 7.63
N ASN A 151 5.35 -10.62 6.31
CA ASN A 151 5.61 -9.35 5.66
C ASN A 151 4.35 -8.79 5.02
N ILE A 152 3.20 -9.29 5.46
CA ILE A 152 1.93 -8.70 5.12
C ILE A 152 1.20 -8.36 6.41
N LEU A 153 1.01 -7.05 6.65
CA LEU A 153 0.39 -6.56 7.86
C LEU A 153 -1.08 -6.23 7.63
N LEU A 154 -1.89 -6.43 8.67
CA LEU A 154 -3.26 -5.98 8.69
C LEU A 154 -3.34 -4.50 9.16
N GLU A 155 -4.01 -3.69 8.35
CA GLU A 155 -4.15 -2.25 8.60
C GLU A 155 -4.73 -1.92 9.96
N SER A 156 -5.71 -2.71 10.37
CA SER A 156 -6.40 -2.47 11.63
C SER A 156 -6.98 -3.77 12.13
N LYS A 157 -7.93 -3.68 13.06
CA LYS A 157 -8.67 -4.83 13.56
C LYS A 157 -10.07 -4.97 12.94
N GLU A 158 -10.50 -4.01 12.13
CA GLU A 158 -11.80 -4.10 11.47
C GLU A 158 -11.87 -5.24 10.45
N LYS A 159 -13.09 -5.64 10.10
CA LYS A 159 -13.32 -6.92 9.39
C LYS A 159 -12.55 -7.06 8.08
N ASP A 160 -13.00 -6.37 7.03
CA ASP A 160 -12.40 -6.58 5.71
C ASP A 160 -11.34 -5.52 5.41
N CYS A 161 -10.43 -5.34 6.38
CA CYS A 161 -9.45 -4.25 6.32
C CYS A 161 -8.40 -4.54 5.24
N ASP A 162 -7.90 -3.48 4.62
CA ASP A 162 -6.80 -3.60 3.67
C ASP A 162 -5.60 -4.28 4.34
N ILE A 163 -4.91 -5.13 3.57
CA ILE A 163 -3.59 -5.63 3.99
C ILE A 163 -2.52 -4.78 3.33
N LYS A 164 -1.34 -4.80 3.94
CA LYS A 164 -0.26 -3.90 3.61
C LYS A 164 1.02 -4.68 3.50
N ILE A 165 1.59 -4.69 2.30
CA ILE A 165 2.87 -5.33 2.06
C ILE A 165 3.97 -4.40 2.59
N ILE A 166 4.82 -4.96 3.46
CA ILE A 166 5.96 -4.24 4.04
C ILE A 166 7.29 -4.84 3.58
N ASP A 167 8.38 -4.15 3.86
CA ASP A 167 9.73 -4.75 3.91
C ASP A 167 10.30 -5.22 2.55
N PHE A 168 10.66 -4.25 1.73
CA PHE A 168 11.23 -4.46 0.41
C PHE A 168 11.79 -3.13 -0.10
N GLY A 169 12.80 -3.19 -0.94
CA GLY A 169 13.32 -2.00 -1.63
C GLY A 169 14.66 -1.51 -1.14
N LEU A 170 15.06 -1.95 0.05
CA LEU A 170 16.29 -1.48 0.70
C LEU A 170 17.41 -2.51 0.65
N SER A 171 17.24 -3.56 -0.16
CA SER A 171 18.11 -4.75 -0.09
C SER A 171 19.56 -4.50 -0.48
N THR A 172 19.79 -3.60 -1.44
CA THR A 172 21.17 -3.24 -1.83
C THR A 172 21.71 -2.08 -1.01
N CYS A 173 20.81 -1.34 -0.36
CA CYS A 173 21.17 -0.19 0.45
C CYS A 173 21.80 -0.54 1.78
N PHE A 174 21.29 -1.60 2.40
CA PHE A 174 21.70 -1.97 3.74
C PHE A 174 22.00 -3.45 3.87
N GLN A 175 22.70 -3.80 4.94
CA GLN A 175 23.13 -5.17 5.19
C GLN A 175 22.63 -5.67 6.55
N GLN A 176 21.98 -6.84 6.53
CA GLN A 176 21.43 -7.48 7.72
C GLN A 176 22.54 -8.22 8.48
N ASN A 177 22.24 -8.63 9.73
CA ASN A 177 23.09 -9.59 10.45
C ASN A 177 22.30 -10.90 10.62
N THR A 178 21.25 -10.84 11.44
CA THR A 178 20.49 -12.03 11.86
C THR A 178 19.00 -11.72 11.95
N ILE A 184 12.37 -17.98 11.68
CA ILE A 184 12.37 -19.28 11.01
C ILE A 184 11.03 -19.54 10.31
N GLY A 185 11.09 -20.24 9.17
CA GLY A 185 9.91 -20.58 8.39
C GLY A 185 9.80 -19.89 7.04
N THR A 186 10.88 -19.28 6.59
CA THR A 186 10.89 -18.59 5.29
C THR A 186 10.95 -19.61 4.15
N ALA A 187 11.61 -20.74 4.41
CA ALA A 187 11.84 -21.79 3.41
C ALA A 187 10.58 -22.22 2.64
N TYR A 188 9.42 -22.23 3.32
CA TYR A 188 8.14 -22.58 2.69
C TYR A 188 7.80 -21.78 1.40
N TYR A 189 8.22 -20.52 1.36
CA TYR A 189 7.76 -19.54 0.37
C TYR A 189 8.72 -19.23 -0.77
N ILE A 190 9.91 -19.80 -0.74
CA ILE A 190 10.95 -19.50 -1.72
C ILE A 190 10.77 -20.33 -3.01
N ALA A 191 10.71 -19.66 -4.16
CA ALA A 191 10.72 -20.34 -5.45
C ALA A 191 11.99 -21.20 -5.54
N PRO A 192 12.00 -22.23 -6.43
CA PRO A 192 13.21 -23.04 -6.57
C PRO A 192 14.39 -22.28 -7.17
N GLU A 193 14.14 -21.39 -8.14
CA GLU A 193 15.23 -20.62 -8.75
C GLU A 193 16.03 -19.81 -7.71
N VAL A 194 15.38 -19.37 -6.64
CA VAL A 194 16.05 -18.63 -5.58
C VAL A 194 17.07 -19.49 -4.82
N LEU A 195 16.86 -20.80 -4.79
CA LEU A 195 17.91 -21.74 -4.32
C LEU A 195 19.12 -21.77 -5.29
N ARG A 196 18.91 -21.32 -6.53
CA ARG A 196 19.99 -21.18 -7.53
C ARG A 196 20.64 -19.79 -7.54
N GLY A 197 20.35 -18.97 -6.51
CA GLY A 197 20.96 -17.66 -6.38
C GLY A 197 20.33 -16.61 -7.28
N THR A 198 19.16 -16.92 -7.83
CA THR A 198 18.48 -16.08 -8.81
C THR A 198 17.19 -15.48 -8.25
N TYR A 199 16.97 -14.19 -8.53
CA TYR A 199 15.68 -13.56 -8.28
C TYR A 199 15.18 -12.94 -9.57
N ASP A 200 13.86 -12.83 -9.67
CA ASP A 200 13.20 -12.00 -10.67
C ASP A 200 11.74 -11.87 -10.19
N GLU A 201 10.93 -11.12 -10.93
CA GLU A 201 9.55 -10.88 -10.52
C GLU A 201 8.72 -12.15 -10.28
N LYS A 202 9.03 -13.24 -11.00
CA LYS A 202 8.29 -14.51 -10.85
C LYS A 202 8.55 -15.21 -9.53
N CYS A 203 9.58 -14.84 -8.78
CA CYS A 203 9.75 -15.43 -7.45
CA CYS A 203 9.77 -15.39 -7.44
C CYS A 203 8.63 -14.96 -6.52
N ASP A 204 8.18 -13.72 -6.66
CA ASP A 204 7.10 -13.18 -5.84
C ASP A 204 5.78 -13.89 -6.13
N VAL A 205 5.60 -14.27 -7.40
CA VAL A 205 4.39 -14.98 -7.81
C VAL A 205 4.36 -16.34 -7.14
N TRP A 206 5.49 -17.04 -7.21
CA TRP A 206 5.61 -18.31 -6.53
C TRP A 206 5.26 -18.16 -5.05
N SER A 207 5.98 -17.27 -4.37
CA SER A 207 5.73 -17.02 -2.95
C SER A 207 4.25 -16.75 -2.65
N ALA A 208 3.59 -16.00 -3.54
CA ALA A 208 2.17 -15.71 -3.41
C ALA A 208 1.30 -16.95 -3.68
N GLY A 209 1.79 -17.84 -4.54
CA GLY A 209 1.11 -19.13 -4.79
C GLY A 209 1.12 -20.02 -3.55
N VAL A 210 2.28 -20.09 -2.90
CA VAL A 210 2.41 -20.79 -1.62
C VAL A 210 1.47 -20.20 -0.56
N ILE A 211 1.54 -18.88 -0.36
CA ILE A 211 0.59 -18.21 0.53
C ILE A 211 -0.85 -18.67 0.24
N LEU A 212 -1.24 -18.68 -1.02
CA LEU A 212 -2.62 -19.03 -1.37
C LEU A 212 -2.94 -20.47 -1.01
N TYR A 213 -2.05 -21.38 -1.36
CA TYR A 213 -2.22 -22.79 -1.03
C TYR A 213 -2.41 -22.97 0.46
N ILE A 214 -1.64 -22.22 1.26
CA ILE A 214 -1.79 -22.25 2.72
C ILE A 214 -3.13 -21.64 3.17
N LEU A 215 -3.63 -20.64 2.42
CA LEU A 215 -4.89 -19.99 2.77
C LEU A 215 -6.07 -20.94 2.62
N LEU A 216 -6.10 -21.68 1.52
CA LEU A 216 -7.25 -22.52 1.20
C LEU A 216 -7.17 -23.89 1.88
N SER A 217 -5.96 -24.33 2.22
CA SER A 217 -5.76 -25.68 2.75
C SER A 217 -5.26 -25.72 4.18
N GLY A 218 -4.64 -24.63 4.64
CA GLY A 218 -4.13 -24.54 6.02
C GLY A 218 -2.78 -25.20 6.23
N THR A 219 -2.15 -25.60 5.13
CA THR A 219 -0.92 -26.36 5.15
C THR A 219 -0.07 -26.00 3.93
N PRO A 220 1.26 -25.88 4.09
CA PRO A 220 2.06 -25.44 2.94
C PRO A 220 2.29 -26.60 1.97
N PRO A 221 2.37 -26.29 0.67
CA PRO A 221 2.54 -27.32 -0.37
C PRO A 221 3.86 -28.09 -0.22
N PHE A 222 4.91 -27.41 0.21
CA PHE A 222 6.19 -28.02 0.44
C PHE A 222 6.37 -28.03 1.95
N TYR A 223 5.76 -29.01 2.60
N TYR A 223 5.78 -29.05 2.57
CA TYR A 223 5.77 -29.13 4.06
CA TYR A 223 5.77 -29.24 4.00
C TYR A 223 6.82 -30.14 4.52
C TYR A 223 7.01 -29.99 4.45
N GLY A 224 7.27 -30.01 5.76
CA GLY A 224 8.32 -30.85 6.31
C GLY A 224 8.64 -30.51 7.75
N LYS A 225 9.44 -31.37 8.38
CA LYS A 225 9.76 -31.26 9.81
C LYS A 225 10.79 -30.16 10.10
N ASN A 226 11.86 -30.13 9.31
CA ASN A 226 12.91 -29.11 9.45
C ASN A 226 13.20 -28.39 8.13
N GLU A 227 14.14 -27.45 8.15
CA GLU A 227 14.46 -26.62 6.98
C GLU A 227 15.17 -27.38 5.85
N TYR A 228 15.90 -28.43 6.18
CA TYR A 228 16.56 -29.24 5.17
C TYR A 228 15.52 -29.92 4.29
N ASP A 229 14.52 -30.52 4.95
CA ASP A 229 13.52 -31.34 4.28
C ASP A 229 12.48 -30.48 3.56
N ILE A 230 12.18 -29.30 4.11
CA ILE A 230 11.30 -28.36 3.43
C ILE A 230 11.93 -27.92 2.11
N LEU A 231 13.18 -27.47 2.17
CA LEU A 231 13.92 -27.05 0.99
C LEU A 231 14.18 -28.20 -0.01
N LYS A 232 14.09 -29.44 0.47
CA LYS A 232 14.27 -30.61 -0.39
C LYS A 232 13.08 -30.85 -1.31
N ARG A 233 11.86 -30.61 -0.82
CA ARG A 233 10.66 -30.70 -1.64
C ARG A 233 10.59 -29.52 -2.61
N VAL A 234 10.82 -28.31 -2.09
CA VAL A 234 10.96 -27.07 -2.91
C VAL A 234 11.98 -27.26 -4.03
N GLU A 235 13.04 -28.03 -3.78
CA GLU A 235 14.00 -28.44 -4.81
C GLU A 235 13.31 -29.11 -6.01
N THR A 236 12.51 -30.13 -5.71
CA THR A 236 11.91 -31.01 -6.72
C THR A 236 10.79 -30.31 -7.48
N GLY A 237 10.17 -29.32 -6.85
CA GLY A 237 8.98 -28.68 -7.41
C GLY A 237 7.68 -29.44 -7.17
N LYS A 238 7.76 -30.63 -6.57
CA LYS A 238 6.59 -31.50 -6.36
C LYS A 238 5.69 -31.06 -5.20
N TYR A 239 4.43 -30.77 -5.53
CA TYR A 239 3.35 -30.62 -4.56
C TYR A 239 2.11 -31.29 -5.17
N ALA A 240 1.06 -31.42 -4.37
CA ALA A 240 -0.19 -31.99 -4.87
C ALA A 240 -1.40 -31.42 -4.15
N PHE A 241 -2.58 -31.76 -4.64
CA PHE A 241 -3.83 -31.45 -3.97
C PHE A 241 -4.37 -32.74 -3.36
N ASP A 242 -3.50 -33.42 -2.61
CA ASP A 242 -3.78 -34.73 -2.02
C ASP A 242 -4.51 -34.65 -0.69
N LEU A 243 -4.10 -33.74 0.16
CA LEU A 243 -4.74 -33.58 1.47
C LEU A 243 -6.27 -33.59 1.29
N PRO A 244 -7.00 -34.31 2.18
CA PRO A 244 -8.47 -34.47 2.05
C PRO A 244 -9.27 -33.18 1.84
N GLN A 245 -8.78 -32.05 2.36
CA GLN A 245 -9.52 -30.80 2.29
C GLN A 245 -9.57 -30.19 0.87
N TRP A 246 -8.73 -30.67 -0.04
CA TRP A 246 -8.69 -30.13 -1.42
C TRP A 246 -9.87 -30.54 -2.30
N ARG A 247 -10.60 -31.58 -1.90
CA ARG A 247 -11.73 -32.09 -2.68
C ARG A 247 -12.92 -31.14 -2.74
N THR A 248 -13.16 -30.39 -1.67
CA THR A 248 -14.26 -29.43 -1.65
C THR A 248 -13.76 -28.01 -1.94
N ILE A 249 -12.79 -27.92 -2.84
CA ILE A 249 -12.25 -26.67 -3.31
C ILE A 249 -12.29 -26.72 -4.83
N SER A 250 -12.77 -25.65 -5.45
CA SER A 250 -13.04 -25.60 -6.88
C SER A 250 -11.82 -25.91 -7.73
N ASP A 251 -12.06 -26.19 -9.01
CA ASP A 251 -10.97 -26.40 -9.96
C ASP A 251 -10.35 -25.07 -10.36
N ASP A 252 -11.13 -23.99 -10.24
CA ASP A 252 -10.65 -22.65 -10.55
C ASP A 252 -9.56 -22.15 -9.61
N ALA A 253 -9.68 -22.42 -8.31
CA ALA A 253 -8.60 -22.09 -7.37
C ALA A 253 -7.39 -22.97 -7.70
N LYS A 254 -7.64 -24.26 -7.94
CA LYS A 254 -6.59 -25.19 -8.36
C LYS A 254 -5.85 -24.72 -9.63
N ASP A 255 -6.59 -24.24 -10.62
CA ASP A 255 -5.97 -23.77 -11.85
C ASP A 255 -5.06 -22.55 -11.59
N LEU A 256 -5.50 -21.62 -10.75
CA LEU A 256 -4.65 -20.50 -10.34
C LEU A 256 -3.36 -20.95 -9.62
N ILE A 257 -3.49 -21.81 -8.62
CA ILE A 257 -2.33 -22.31 -7.85
C ILE A 257 -1.31 -23.00 -8.78
N ARG A 258 -1.80 -23.92 -9.60
CA ARG A 258 -1.00 -24.59 -10.63
C ARG A 258 -0.22 -23.62 -11.54
N LYS A 259 -0.89 -22.58 -12.05
CA LYS A 259 -0.20 -21.53 -12.82
C LYS A 259 0.85 -20.75 -12.01
N MET A 260 0.61 -20.56 -10.70
CA MET A 260 1.55 -19.82 -9.83
C MET A 260 2.75 -20.67 -9.39
N LEU A 261 2.52 -21.95 -9.17
CA LEU A 261 3.54 -22.88 -8.72
C LEU A 261 4.15 -23.68 -9.88
N THR A 262 4.02 -23.15 -11.09
CA THR A 262 4.76 -23.65 -12.23
C THR A 262 6.24 -23.51 -11.97
N PHE A 263 7.01 -24.49 -12.40
CA PHE A 263 8.38 -24.63 -11.97
C PHE A 263 9.31 -23.67 -12.69
N HIS A 264 9.22 -23.66 -14.02
CA HIS A 264 10.00 -22.75 -14.84
C HIS A 264 9.42 -21.36 -14.73
N PRO A 265 10.22 -20.37 -14.31
CA PRO A 265 9.76 -18.98 -14.22
C PRO A 265 9.17 -18.41 -15.50
N SER A 266 9.75 -18.72 -16.65
CA SER A 266 9.28 -18.15 -17.93
C SER A 266 7.85 -18.61 -18.27
N LEU A 267 7.48 -19.82 -17.80
CA LEU A 267 6.15 -20.39 -18.02
C LEU A 267 5.17 -20.00 -16.92
N ARG A 268 5.67 -19.43 -15.82
CA ARG A 268 4.86 -19.02 -14.69
C ARG A 268 4.12 -17.71 -15.04
N ILE A 269 2.88 -17.59 -14.53
CA ILE A 269 2.06 -16.39 -14.84
C ILE A 269 2.59 -15.16 -14.12
N THR A 270 2.27 -13.99 -14.69
CA THR A 270 2.67 -12.69 -14.15
C THR A 270 1.84 -12.35 -12.92
N ALA A 271 2.20 -11.25 -12.27
CA ALA A 271 1.36 -10.68 -11.21
C ALA A 271 0.00 -10.22 -11.74
N THR A 272 0.00 -9.62 -12.93
CA THR A 272 -1.24 -9.11 -13.52
C THR A 272 -2.24 -10.24 -13.84
N GLN A 273 -1.76 -11.36 -14.37
CA GLN A 273 -2.60 -12.51 -14.69
C GLN A 273 -3.15 -13.18 -13.43
N CYS A 274 -2.35 -13.21 -12.37
CA CYS A 274 -2.89 -13.55 -11.06
C CYS A 274 -4.09 -12.67 -10.72
N LEU A 275 -3.96 -11.35 -10.87
CA LEU A 275 -5.04 -10.40 -10.56
C LEU A 275 -6.27 -10.61 -11.46
N GLU A 276 -6.03 -10.90 -12.73
CA GLU A 276 -7.11 -11.03 -13.72
C GLU A 276 -7.75 -12.43 -13.76
N HIS A 277 -7.24 -13.38 -12.96
CA HIS A 277 -7.72 -14.76 -13.03
C HIS A 277 -9.23 -14.85 -12.75
N PRO A 278 -9.95 -15.68 -13.51
CA PRO A 278 -11.41 -15.84 -13.32
C PRO A 278 -11.86 -16.04 -11.87
N TRP A 279 -11.17 -16.90 -11.13
CA TRP A 279 -11.47 -17.18 -9.73
C TRP A 279 -11.42 -15.93 -8.87
N ILE A 280 -10.45 -15.04 -9.15
CA ILE A 280 -10.36 -13.74 -8.48
C ILE A 280 -11.56 -12.86 -8.80
N GLN A 281 -11.89 -12.80 -10.08
CA GLN A 281 -12.97 -11.94 -10.57
C GLN A 281 -14.28 -12.35 -9.88
N LYS A 282 -14.54 -13.65 -9.88
CA LYS A 282 -15.80 -14.19 -9.36
C LYS A 282 -16.09 -13.79 -7.92
N TYR A 283 -15.08 -13.86 -7.05
CA TYR A 283 -15.30 -13.67 -5.60
C TYR A 283 -15.20 -12.24 -5.09
N SER A 284 -14.39 -11.43 -5.75
CA SER A 284 -14.15 -10.06 -5.32
C SER A 284 -14.76 -9.10 -6.33
N SER A 285 -16.10 -9.04 -6.32
CA SER A 285 -16.86 -8.18 -7.21
C SER A 285 -17.75 -7.22 -6.42
N GLU A 286 -17.26 -6.72 -5.29
CA GLU A 286 -18.04 -5.79 -4.48
C GLU A 286 -18.27 -4.52 -5.29
N THR A 287 -19.52 -4.09 -5.33
CA THR A 287 -19.98 -3.10 -6.28
C THR A 287 -20.79 -2.05 -5.52
N PRO A 288 -20.96 -0.84 -6.11
CA PRO A 288 -21.66 0.24 -5.42
C PRO A 288 -23.18 0.03 -5.28
N THR A 289 -23.73 0.49 -4.14
CA THR A 289 -25.14 0.31 -3.78
C THR A 289 -25.80 1.61 -3.31
N ILE A 290 -27.07 1.52 -2.91
CA ILE A 290 -27.84 2.66 -2.36
C ILE A 290 -27.21 3.21 -1.10
N SER A 291 -26.72 2.31 -0.24
CA SER A 291 -26.04 2.66 1.02
C SER A 291 -24.89 3.64 0.78
N ASP A 292 -24.21 3.50 -0.35
CA ASP A 292 -23.04 4.31 -0.67
C ASP A 292 -23.42 5.68 -1.23
N LEU A 293 -24.69 5.90 -1.54
CA LEU A 293 -25.09 7.14 -2.20
C LEU A 293 -24.75 8.41 -1.38
N PRO A 294 -25.18 8.48 -0.10
CA PRO A 294 -24.85 9.68 0.66
C PRO A 294 -23.33 9.89 0.80
N SER A 295 -22.63 8.80 1.11
CA SER A 295 -21.17 8.77 1.10
C SER A 295 -20.60 9.22 -0.25
N LEU A 296 -21.25 8.76 -1.32
CA LEU A 296 -20.83 9.08 -2.68
C LEU A 296 -21.15 10.53 -3.01
N GLU A 297 -22.26 11.01 -2.45
CA GLU A 297 -22.67 12.41 -2.60
C GLU A 297 -21.67 13.38 -1.96
N SER A 298 -21.07 12.97 -0.84
CA SER A 298 -20.02 13.76 -0.21
C SER A 298 -18.75 13.82 -1.05
N ALA A 299 -18.39 12.71 -1.68
CA ALA A 299 -17.23 12.66 -2.58
C ALA A 299 -17.36 13.61 -3.77
N MET A 300 -18.59 13.74 -4.27
CA MET A 300 -18.90 14.61 -5.41
C MET A 300 -18.68 16.10 -5.13
N THR A 301 -19.35 16.61 -4.10
CA THR A 301 -19.20 18.02 -3.70
C THR A 301 -17.73 18.46 -3.63
N ASN A 302 -16.90 17.64 -2.99
CA ASN A 302 -15.51 17.99 -2.71
C ASN A 302 -14.58 17.93 -3.93
N ILE A 303 -14.88 17.01 -4.85
CA ILE A 303 -14.17 16.94 -6.12
C ILE A 303 -14.68 18.01 -7.07
N ARG A 304 -16.00 18.26 -7.06
CA ARG A 304 -16.66 19.19 -7.98
C ARG A 304 -16.07 20.60 -7.96
N GLN A 305 -15.56 21.02 -6.81
CA GLN A 305 -14.84 22.30 -6.72
C GLN A 305 -13.35 22.09 -6.99
N PHE A 306 -12.84 20.92 -6.64
CA PHE A 306 -11.46 20.57 -6.95
C PHE A 306 -11.21 20.57 -8.46
N GLN A 307 -12.26 20.34 -9.24
CA GLN A 307 -12.22 20.47 -10.71
C GLN A 307 -12.06 21.93 -11.18
N ALA A 308 -12.57 22.87 -10.39
CA ALA A 308 -12.44 24.30 -10.68
C ALA A 308 -11.79 25.10 -9.53
N GLU A 309 -11.09 24.42 -8.62
CA GLU A 309 -10.33 25.07 -7.55
C GLU A 309 -8.93 25.40 -8.08
N LYS A 310 -8.34 26.47 -7.55
CA LYS A 310 -7.07 27.00 -8.06
C LYS A 310 -5.96 25.96 -8.14
N LYS A 311 -5.07 26.13 -9.12
CA LYS A 311 -3.94 25.22 -9.36
C LYS A 311 -2.97 25.13 -8.17
N LEU A 312 -2.65 26.28 -7.58
CA LEU A 312 -1.80 26.34 -6.39
C LEU A 312 -2.53 25.74 -5.18
N ALA A 313 -3.87 25.79 -5.22
CA ALA A 313 -4.71 25.13 -4.23
C ALA A 313 -4.70 23.61 -4.45
N GLN A 314 -4.88 23.18 -5.70
CA GLN A 314 -4.97 21.76 -6.05
C GLN A 314 -3.73 20.96 -5.69
N ALA A 315 -2.55 21.51 -5.97
CA ALA A 315 -1.28 20.86 -5.63
C ALA A 315 -0.95 20.96 -4.13
N ALA A 316 -1.33 22.08 -3.51
CA ALA A 316 -1.08 22.30 -2.08
C ALA A 316 -1.94 21.39 -1.22
N LEU A 317 -3.16 21.09 -1.70
CA LEU A 317 -4.07 20.17 -1.02
C LEU A 317 -3.59 18.72 -1.14
N LEU A 318 -2.99 18.40 -2.29
CA LEU A 318 -2.49 17.05 -2.57
C LEU A 318 -1.37 16.65 -1.61
N TYR A 319 -0.52 17.63 -1.27
CA TYR A 319 0.61 17.41 -0.37
C TYR A 319 0.16 17.27 1.08
N MET A 320 -0.89 17.98 1.47
CA MET A 320 -1.40 17.88 2.85
C MET A 320 -2.14 16.55 3.10
N ALA A 321 -3.19 16.27 2.34
CA ALA A 321 -3.97 15.03 2.52
C ALA A 321 -3.13 13.77 2.30
N SER A 322 -2.11 13.84 1.45
CA SER A 322 -1.25 12.69 1.23
C SER A 322 -0.33 12.38 2.43
N LYS A 323 0.19 13.40 3.09
CA LYS A 323 1.17 13.19 4.18
C LYS A 323 0.56 13.01 5.57
N LEU A 324 -0.59 13.64 5.84
CA LEU A 324 -1.04 13.83 7.20
C LEU A 324 -2.44 13.28 7.53
N THR A 325 -2.93 12.33 6.75
CA THR A 325 -4.25 11.72 7.00
C THR A 325 -4.12 10.55 7.98
N THR A 326 -5.26 9.99 8.37
CA THR A 326 -5.31 8.80 9.23
C THR A 326 -6.47 7.89 8.84
N LEU A 327 -6.37 6.63 9.28
CA LEU A 327 -7.32 5.58 8.97
C LEU A 327 -8.77 6.00 9.18
N ASP A 328 -9.08 6.44 10.40
CA ASP A 328 -10.45 6.75 10.81
C ASP A 328 -11.07 7.93 10.05
N GLU A 329 -10.22 8.70 9.36
CA GLU A 329 -10.67 9.87 8.63
C GLU A 329 -11.09 9.50 7.22
N THR A 330 -10.19 8.81 6.52
CA THR A 330 -10.38 8.49 5.13
C THR A 330 -10.90 7.07 4.92
N LYS A 331 -11.45 6.46 5.97
CA LYS A 331 -11.93 5.07 5.92
C LYS A 331 -13.19 4.97 5.07
N GLN A 332 -13.89 6.08 4.92
CA GLN A 332 -15.08 6.14 4.09
C GLN A 332 -14.73 6.23 2.60
N LEU A 333 -13.83 7.16 2.28
CA LEU A 333 -13.31 7.30 0.91
C LEU A 333 -12.66 5.99 0.46
N THR A 334 -12.02 5.29 1.40
CA THR A 334 -11.39 3.99 1.16
C THR A 334 -12.35 2.91 0.66
N GLU A 335 -13.59 2.91 1.17
CA GLU A 335 -14.58 1.95 0.72
C GLU A 335 -15.08 2.32 -0.69
N ILE A 336 -15.31 3.61 -0.90
CA ILE A 336 -15.81 4.12 -2.18
C ILE A 336 -14.80 3.88 -3.29
N PHE A 337 -13.54 4.17 -3.01
CA PHE A 337 -12.41 3.92 -3.90
C PHE A 337 -12.43 2.46 -4.36
N ARG A 338 -12.52 1.55 -3.40
CA ARG A 338 -12.56 0.11 -3.66
C ARG A 338 -13.66 -0.30 -4.66
N LYS A 339 -14.86 0.24 -4.49
CA LYS A 339 -16.03 -0.16 -5.29
C LYS A 339 -15.97 0.39 -6.73
N LEU A 340 -15.33 1.54 -6.88
CA LEU A 340 -15.04 2.11 -8.19
C LEU A 340 -13.90 1.36 -8.89
N ASP A 341 -13.02 0.76 -8.10
CA ASP A 341 -11.84 0.06 -8.64
C ASP A 341 -12.22 -1.33 -9.16
N THR A 342 -13.06 -1.37 -10.20
CA THR A 342 -13.59 -2.64 -10.72
C THR A 342 -12.52 -3.65 -11.18
N ASN A 343 -11.37 -3.21 -11.71
CA ASN A 343 -10.31 -4.16 -12.11
C ASN A 343 -9.34 -4.52 -10.97
N ASN A 344 -9.55 -3.92 -9.80
CA ASN A 344 -8.87 -4.28 -8.55
C ASN A 344 -7.35 -4.06 -8.48
N ASP A 345 -6.80 -3.17 -9.31
CA ASP A 345 -5.34 -2.91 -9.30
C ASP A 345 -4.92 -1.81 -8.32
N GLY A 346 -5.87 -1.27 -7.57
CA GLY A 346 -5.57 -0.26 -6.54
C GLY A 346 -5.47 1.19 -7.04
N MET A 347 -5.87 1.43 -8.29
CA MET A 347 -5.88 2.79 -8.82
C MET A 347 -7.06 2.96 -9.76
N LEU A 348 -7.48 4.21 -9.95
CA LEU A 348 -8.68 4.48 -10.71
C LEU A 348 -8.39 5.03 -12.10
N ASP A 349 -8.67 4.22 -13.13
CA ASP A 349 -8.48 4.67 -14.52
C ASP A 349 -9.66 5.51 -15.02
N ARG A 350 -9.52 6.06 -16.23
CA ARG A 350 -10.53 6.96 -16.82
C ARG A 350 -11.92 6.34 -16.94
N ASP A 351 -11.98 5.09 -17.40
CA ASP A 351 -13.26 4.42 -17.64
C ASP A 351 -14.01 4.10 -16.36
N GLU A 352 -13.30 3.62 -15.35
CA GLU A 352 -13.91 3.30 -14.05
C GLU A 352 -14.64 4.50 -13.45
N LEU A 353 -14.09 5.70 -13.62
CA LEU A 353 -14.73 6.91 -13.10
C LEU A 353 -16.04 7.17 -13.81
N VAL A 354 -16.03 6.98 -15.13
CA VAL A 354 -17.20 7.25 -15.97
C VAL A 354 -18.32 6.27 -15.66
N ARG A 355 -18.01 4.98 -15.54
CA ARG A 355 -19.03 3.96 -15.18
C ARG A 355 -19.57 4.27 -13.77
N GLY A 356 -18.67 4.62 -12.85
CA GLY A 356 -19.03 5.02 -11.48
C GLY A 356 -19.96 6.23 -11.43
N TYR A 357 -19.68 7.21 -12.27
CA TYR A 357 -20.57 8.37 -12.41
C TYR A 357 -21.94 7.95 -13.00
N HIS A 358 -21.96 6.97 -13.91
CA HIS A 358 -23.23 6.48 -14.50
C HIS A 358 -24.04 5.68 -13.48
N GLU A 359 -23.33 4.83 -12.74
CA GLU A 359 -23.89 4.00 -11.68
C GLU A 359 -24.41 4.87 -10.54
N PHE A 360 -23.64 5.88 -10.16
CA PHE A 360 -24.07 6.85 -9.13
C PHE A 360 -25.42 7.42 -9.47
N MET A 361 -25.55 7.94 -10.68
CA MET A 361 -26.81 8.54 -11.15
C MET A 361 -27.93 7.50 -11.23
N ARG A 362 -27.63 6.32 -11.76
CA ARG A 362 -28.64 5.27 -11.90
C ARG A 362 -29.25 4.91 -10.54
N LEU A 363 -28.39 4.66 -9.56
CA LEU A 363 -28.83 4.33 -8.20
C LEU A 363 -29.64 5.45 -7.53
N LYS A 364 -29.42 6.69 -7.97
CA LYS A 364 -30.12 7.88 -7.45
C LYS A 364 -31.46 8.13 -8.18
N GLY A 365 -31.59 7.57 -9.38
CA GLY A 365 -32.83 7.66 -10.16
C GLY A 365 -32.80 8.73 -11.22
N VAL A 366 -31.60 9.17 -11.61
CA VAL A 366 -31.45 10.26 -12.58
C VAL A 366 -30.88 9.76 -13.90
N ASP A 367 -31.52 10.16 -14.99
CA ASP A 367 -31.15 9.75 -16.34
C ASP A 367 -29.92 10.53 -16.82
N SER A 368 -28.82 9.82 -17.09
CA SER A 368 -27.64 10.46 -17.67
C SER A 368 -27.90 10.86 -19.15
N ASN A 369 -28.22 9.89 -20.00
CA ASN A 369 -28.44 10.13 -21.43
C ASN A 369 -29.57 11.13 -21.69
N GLY A 376 -24.57 22.41 -19.77
CA GLY A 376 -23.54 21.60 -19.13
C GLY A 376 -22.83 20.72 -20.15
N SER A 377 -22.69 19.43 -19.82
CA SER A 377 -22.02 18.45 -20.70
C SER A 377 -22.27 17.03 -20.21
N THR A 378 -21.87 16.04 -21.02
CA THR A 378 -22.07 14.63 -20.66
C THR A 378 -21.12 14.23 -19.55
N ILE A 379 -21.43 13.11 -18.90
CA ILE A 379 -20.57 12.53 -17.88
C ILE A 379 -19.18 12.27 -18.43
N GLU A 380 -19.11 11.84 -19.69
CA GLU A 380 -17.84 11.50 -20.33
C GLU A 380 -16.90 12.70 -20.51
N ASP A 381 -17.44 13.85 -20.91
CA ASP A 381 -16.61 15.06 -21.09
C ASP A 381 -16.22 15.67 -19.74
N GLN A 382 -17.08 15.52 -18.74
CA GLN A 382 -16.79 16.04 -17.41
C GLN A 382 -15.60 15.33 -16.77
N ILE A 383 -15.55 14.02 -16.95
CA ILE A 383 -14.42 13.20 -16.47
C ILE A 383 -13.16 13.45 -17.30
N ASP A 384 -13.31 13.48 -18.61
CA ASP A 384 -12.21 13.87 -19.52
C ASP A 384 -11.56 15.16 -19.07
N SER A 385 -12.37 16.12 -18.65
CA SER A 385 -11.89 17.44 -18.21
C SER A 385 -11.31 17.38 -16.79
N LEU A 386 -11.75 16.40 -16.00
CA LEU A 386 -11.27 16.24 -14.62
C LEU A 386 -9.92 15.52 -14.53
N MET A 387 -9.66 14.57 -15.43
CA MET A 387 -8.47 13.70 -15.32
C MET A 387 -7.14 14.45 -15.24
N PRO A 388 -6.93 15.45 -16.13
CA PRO A 388 -5.65 16.18 -16.11
C PRO A 388 -5.39 16.93 -14.79
N LEU A 389 -6.45 17.40 -14.16
CA LEU A 389 -6.36 18.13 -12.89
C LEU A 389 -6.20 17.14 -11.73
N LEU A 390 -6.71 15.93 -11.93
CA LEU A 390 -6.82 14.92 -10.88
C LEU A 390 -5.61 13.99 -10.85
N ASP A 391 -5.19 13.56 -12.05
CA ASP A 391 -3.97 12.79 -12.22
C ASP A 391 -2.81 13.77 -12.24
N MET A 392 -2.21 14.02 -11.09
CA MET A 392 -1.23 15.10 -10.95
C MET A 392 0.23 14.66 -11.16
N ASP A 393 0.54 13.38 -10.94
CA ASP A 393 1.85 12.86 -11.36
C ASP A 393 1.87 12.51 -12.86
N GLY A 394 0.71 12.56 -13.52
CA GLY A 394 0.59 12.22 -14.93
C GLY A 394 0.63 10.72 -15.17
N SER A 395 0.36 9.95 -14.10
CA SER A 395 0.51 8.49 -14.11
C SER A 395 -0.40 7.78 -15.10
N GLY A 396 -1.46 8.43 -15.55
CA GLY A 396 -2.52 7.80 -16.31
C GLY A 396 -3.62 7.30 -15.38
N SER A 397 -3.35 7.34 -14.07
CA SER A 397 -4.27 6.82 -13.08
C SER A 397 -4.42 7.74 -11.89
N ILE A 398 -5.53 7.56 -11.19
CA ILE A 398 -5.85 8.33 -9.99
C ILE A 398 -5.48 7.46 -8.78
N GLU A 399 -4.26 7.64 -8.27
CA GLU A 399 -3.80 6.82 -7.13
C GLU A 399 -4.53 7.29 -5.88
N TYR A 400 -4.41 6.49 -4.82
CA TYR A 400 -5.16 6.73 -3.59
C TYR A 400 -5.10 8.18 -3.08
N SER A 401 -3.89 8.72 -2.95
CA SER A 401 -3.73 10.08 -2.39
C SER A 401 -4.34 11.16 -3.27
N GLU A 402 -4.30 10.98 -4.59
CA GLU A 402 -4.94 11.92 -5.51
C GLU A 402 -6.45 11.90 -5.28
N PHE A 403 -6.99 10.74 -4.98
CA PHE A 403 -8.41 10.60 -4.68
C PHE A 403 -8.73 11.33 -3.37
N ILE A 404 -8.10 10.89 -2.27
CA ILE A 404 -8.28 11.51 -0.95
C ILE A 404 -8.15 13.01 -0.99
N ALA A 405 -7.09 13.51 -1.62
CA ALA A 405 -6.92 14.96 -1.82
C ALA A 405 -8.21 15.57 -2.33
N SER A 406 -8.71 15.04 -3.44
CA SER A 406 -9.86 15.60 -4.12
C SER A 406 -11.18 15.38 -3.40
N ALA A 407 -11.42 14.19 -2.87
CA ALA A 407 -12.73 13.83 -2.32
C ALA A 407 -12.82 13.81 -0.79
N ILE A 408 -12.15 14.76 -0.13
CA ILE A 408 -12.25 14.88 1.33
C ILE A 408 -12.71 16.28 1.71
N ASP A 409 -13.38 16.38 2.86
CA ASP A 409 -13.74 17.68 3.41
C ASP A 409 -12.47 18.43 3.79
N ARG A 410 -12.43 19.72 3.48
CA ARG A 410 -11.42 20.59 4.03
C ARG A 410 -11.90 21.13 5.38
N THR A 411 -13.15 20.82 5.71
CA THR A 411 -13.72 21.07 7.04
C THR A 411 -12.99 20.31 8.13
N ILE A 412 -12.46 19.13 7.79
CA ILE A 412 -11.67 18.30 8.72
C ILE A 412 -10.20 18.14 8.30
N LEU A 413 -9.92 18.33 7.01
CA LEU A 413 -8.53 18.30 6.51
C LEU A 413 -7.69 19.45 7.05
N LEU A 414 -8.34 20.55 7.43
CA LEU A 414 -7.63 21.75 7.84
C LEU A 414 -7.85 22.10 9.31
N SER A 415 -7.05 21.47 10.18
CA SER A 415 -6.97 21.84 11.60
C SER A 415 -5.67 22.62 11.81
N ARG A 416 -5.63 23.47 12.83
CA ARG A 416 -4.46 24.30 13.10
C ARG A 416 -3.18 23.47 13.18
N GLU A 417 -3.25 22.33 13.86
CA GLU A 417 -2.10 21.46 14.04
C GLU A 417 -1.47 21.06 12.71
N ARG A 418 -2.31 20.63 11.76
CA ARG A 418 -1.84 20.26 10.41
C ARG A 418 -1.23 21.41 9.62
N MET A 419 -1.85 22.59 9.68
CA MET A 419 -1.27 23.78 9.05
C MET A 419 0.10 24.07 9.65
N GLU A 420 0.23 23.91 10.97
CA GLU A 420 1.49 24.15 11.67
C GLU A 420 2.57 23.20 11.13
N ARG A 421 2.23 21.92 10.94
CA ARG A 421 3.18 20.95 10.39
C ARG A 421 3.52 21.30 8.94
N ALA A 422 2.49 21.39 8.10
CA ALA A 422 2.62 21.89 6.74
C ALA A 422 3.56 23.09 6.69
N PHE A 423 3.24 24.15 7.42
CA PHE A 423 4.11 25.33 7.47
C PHE A 423 5.59 24.97 7.60
N LYS A 424 5.91 24.00 8.46
CA LYS A 424 7.30 23.59 8.73
C LYS A 424 7.86 22.56 7.74
N MET A 425 6.98 21.91 6.98
CA MET A 425 7.37 20.94 5.95
C MET A 425 7.89 21.59 4.65
N PHE A 426 7.79 22.92 4.56
CA PHE A 426 8.26 23.68 3.38
C PHE A 426 9.39 24.66 3.71
N ASP A 427 9.33 25.25 4.91
CA ASP A 427 10.40 26.09 5.41
C ASP A 427 11.64 25.22 5.69
N LYS A 428 12.47 25.04 4.66
CA LYS A 428 13.59 24.11 4.72
C LYS A 428 14.72 24.61 5.63
N ASP A 429 15.10 25.88 5.45
CA ASP A 429 16.20 26.46 6.21
C ASP A 429 15.88 26.67 7.70
N GLY A 430 14.61 26.88 8.01
CA GLY A 430 14.17 27.13 9.39
C GLY A 430 14.27 28.61 9.71
N SER A 431 13.56 29.42 8.92
CA SER A 431 13.62 30.89 9.04
C SER A 431 12.50 31.48 9.89
N GLY A 432 11.30 30.93 9.76
CA GLY A 432 10.09 31.57 10.26
C GLY A 432 9.33 32.21 9.12
N LYS A 433 9.93 32.18 7.92
CA LYS A 433 9.31 32.71 6.71
C LYS A 433 9.76 31.89 5.50
N ILE A 434 8.90 31.82 4.49
CA ILE A 434 9.17 31.04 3.28
C ILE A 434 9.78 31.90 2.17
N SER A 435 10.72 31.31 1.44
CA SER A 435 11.34 31.94 0.27
C SER A 435 10.73 31.34 -1.00
N THR A 436 10.95 32.03 -2.10
CA THR A 436 10.42 31.60 -3.40
C THR A 436 11.03 30.28 -3.89
N LYS A 437 12.33 30.10 -3.65
CA LYS A 437 13.03 28.88 -4.06
C LYS A 437 12.42 27.63 -3.42
N GLU A 438 11.93 27.78 -2.19
CA GLU A 438 11.39 26.65 -1.42
C GLU A 438 10.06 26.13 -2.00
N LEU A 439 9.15 27.05 -2.34
CA LEU A 439 7.86 26.67 -2.90
C LEU A 439 7.98 26.32 -4.37
N ASP A 471 5.17 33.93 6.82
CA ASP A 471 4.45 34.10 8.07
C ASP A 471 3.36 33.05 8.17
N PHE A 472 3.11 32.56 9.39
CA PHE A 472 2.11 31.50 9.61
C PHE A 472 0.65 31.96 9.45
N ASN A 473 0.33 33.16 9.94
CA ASN A 473 -1.03 33.69 9.85
C ASN A 473 -1.42 33.96 8.41
N GLU A 474 -0.46 34.44 7.62
CA GLU A 474 -0.65 34.61 6.17
C GLU A 474 -0.78 33.24 5.49
N PHE A 475 -0.09 32.23 6.03
CA PHE A 475 -0.24 30.83 5.60
C PHE A 475 -1.68 30.35 5.84
N VAL A 476 -2.21 30.59 7.04
CA VAL A 476 -3.52 30.05 7.46
C VAL A 476 -4.66 30.57 6.60
N GLU A 477 -4.59 31.85 6.23
CA GLU A 477 -5.63 32.48 5.41
C GLU A 477 -5.61 31.94 3.99
N MET A 478 -4.41 31.76 3.43
CA MET A 478 -4.23 31.20 2.09
C MET A 478 -4.93 29.84 1.94
N LEU A 479 -4.66 28.94 2.88
CA LEU A 479 -5.25 27.60 2.87
C LEU A 479 -6.75 27.60 3.21
N GLN A 480 -7.22 28.62 3.92
CA GLN A 480 -8.64 28.74 4.27
C GLN A 480 -9.44 29.57 3.26
N ASN A 481 -9.19 29.33 1.96
CA ASN A 481 -9.99 29.90 0.87
C ASN A 481 -10.94 28.85 0.29
CA CA B . -8.56 0.39 -11.39
CA CA C . -1.82 9.76 -10.76
CA CA D . 12.46 29.80 4.50
N1 BK1 E . 3.14 -0.74 11.60
C2 BK1 E . 3.06 -1.44 12.70
N3 BK1 E . 3.97 -2.37 13.01
C4 BK1 E . 5.00 -2.61 12.19
C5 BK1 E . 5.13 -1.89 11.02
C6 BK1 E . 4.15 -0.93 10.73
CAA BK1 E . 7.74 -4.47 13.68
CAB BK1 E . 5.90 -5.81 12.74
NAC BK1 E . 4.14 -0.19 9.65
CAD BK1 E . 10.61 -0.07 6.05
CAE BK1 E . 9.94 -1.27 6.13
CAF BK1 E . 8.14 1.51 9.90
CAG BK1 E . 7.48 0.29 9.97
CAH BK1 E . 10.31 0.92 6.97
CAI BK1 E . 9.08 1.75 8.90
CAJ BK1 E . 9.00 -1.48 7.15
CAL BK1 E . 7.03 -2.08 9.12
NAO BK1 E . 6.75 -3.34 11.27
CAQ BK1 E . 7.76 -0.72 9.05
CAR BK1 E . 6.30 -2.40 10.44
CAS BK1 E . 9.36 0.74 7.98
CAT BK1 E . 8.71 -0.48 8.07
CAW BK1 E . 6.27 -4.43 13.33
NAX BK1 E . 6.03 -3.44 12.26
#